data_5DAK
#
_entry.id   5DAK
#
_cell.length_a   74.629
_cell.length_b   95.509
_cell.length_c   68.247
_cell.angle_alpha   90.000
_cell.angle_beta   98.260
_cell.angle_gamma   90.000
#
_symmetry.space_group_name_H-M   'C 1 2 1'
#
loop_
_entity.id
_entity.type
_entity.pdbx_description
1 polymer 'Glutathione S-transferase P'
2 polymer 'Glutathione S-transferase P'
3 non-polymer '2-(N-MORPHOLINO)-ETHANESULFONIC ACID'
4 non-polymer ARSENIC
5 water water
#
loop_
_entity_poly.entity_id
_entity_poly.type
_entity_poly.pdbx_seq_one_letter_code
_entity_poly.pdbx_strand_id
1 'polypeptide(L)'
;MPPYTVVYFPVRGRCAALRMLLADQGQSWKEEVVTVETWQEGSLKASCLYGQLPKFQDGDLTLYQSNTILRHLGRTLGLY
GKDQQEAALVDMVNDGVEDLRCKYISLIYTNYEAGKDDYVKALPGQLKPFETLLSQNQGGKTFIVGDQISFADYNLLDLL
LIHEVLAPGCLDAFPLLSAYVGRLSARPKLKAFLASPEYVNLPINGNGKQ
;
A
2 'polypeptide(L)'
;MPPYTVVYFPVRGR(CSO)AALRMLLADQGQSWKEEVVTVETWQEGSLKASCLYGQLPKFQDGDLTLYQSNTILRHLGRT
LGLYGKDQQEAALVDMVNDGVEDLRCKYISLIYTNYEAGKDDYVKALPGQLKPFETLLSQNQGGKTFIVGDQISFADYNL
LDLLLIHEVLAPGCLDAFPLLSAYVGRLSARPKLKAFLASPEYVNLPINGNGKQ
;
B
#
# COMPACT_ATOMS: atom_id res chain seq x y z
N MET A 1 15.75 25.33 -9.27
CA MET A 1 15.72 23.89 -9.51
C MET A 1 14.29 23.45 -9.29
N PRO A 2 13.92 22.27 -9.84
CA PRO A 2 12.55 21.77 -9.65
C PRO A 2 12.28 21.42 -8.19
N PRO A 3 11.05 21.61 -7.72
CA PRO A 3 10.82 21.16 -6.35
C PRO A 3 10.74 19.61 -6.25
N TYR A 4 10.61 18.88 -7.38
CA TYR A 4 10.58 17.41 -7.35
C TYR A 4 11.84 16.79 -7.86
N THR A 5 12.29 15.75 -7.18
CA THR A 5 13.38 14.90 -7.68
C THR A 5 12.97 13.43 -7.59
N VAL A 6 13.12 12.69 -8.69
CA VAL A 6 13.00 11.23 -8.62
C VAL A 6 14.35 10.53 -8.79
N VAL A 7 14.59 9.61 -7.85
CA VAL A 7 15.83 8.85 -7.78
C VAL A 7 15.51 7.37 -8.00
N TYR A 8 16.03 6.80 -9.08
CA TYR A 8 15.74 5.41 -9.42
C TYR A 8 16.77 4.79 -10.36
N PHE A 9 16.65 3.48 -10.54
CA PHE A 9 17.38 2.71 -11.52
C PHE A 9 17.08 3.22 -12.92
N PRO A 10 17.97 2.94 -13.88
CA PRO A 10 17.71 3.39 -15.24
C PRO A 10 16.70 2.47 -15.93
N VAL A 11 15.53 2.28 -15.31
CA VAL A 11 14.45 1.47 -15.88
C VAL A 11 13.12 2.21 -15.71
N ARG A 12 12.11 1.79 -16.45
CA ARG A 12 10.76 2.29 -16.22
C ARG A 12 10.21 1.76 -14.90
N GLY A 13 10.00 0.45 -14.86
CA GLY A 13 9.71 -0.25 -13.61
C GLY A 13 8.63 0.40 -12.79
N ARG A 14 8.89 0.55 -11.49
CA ARG A 14 7.90 1.13 -10.57
C ARG A 14 7.85 2.66 -10.64
N CYS A 15 8.64 3.27 -11.51
CA CYS A 15 8.70 4.72 -11.62
CA CYS A 15 8.67 4.72 -11.63
C CYS A 15 7.88 5.24 -12.79
N ALA A 16 7.61 4.37 -13.76
CA ALA A 16 6.89 4.75 -14.95
C ALA A 16 5.62 5.53 -14.64
N ALA A 17 4.77 5.00 -13.75
CA ALA A 17 3.44 5.60 -13.52
C ALA A 17 3.54 7.00 -12.94
N LEU A 18 4.45 7.19 -12.00
CA LEU A 18 4.54 8.51 -11.38
C LEU A 18 5.12 9.52 -12.36
N ARG A 19 6.01 9.08 -13.24
CA ARG A 19 6.57 9.97 -14.25
C ARG A 19 5.50 10.40 -15.24
N MET A 20 4.68 9.43 -15.66
CA MET A 20 3.53 9.73 -16.51
C MET A 20 2.58 10.73 -15.83
N LEU A 21 2.27 10.47 -14.56
CA LEU A 21 1.45 11.39 -13.80
C LEU A 21 2.09 12.78 -13.80
N LEU A 22 3.37 12.87 -13.49
CA LEU A 22 4.02 14.19 -13.42
C LEU A 22 4.01 14.86 -14.79
N ALA A 23 4.31 14.10 -15.84
CA ALA A 23 4.31 14.66 -17.22
C ALA A 23 2.92 15.13 -17.62
N ASP A 24 1.91 14.28 -17.38
CA ASP A 24 0.55 14.62 -17.76
C ASP A 24 0.05 15.87 -17.02
N GLN A 25 0.50 16.09 -15.79
CA GLN A 25 0.02 17.24 -15.01
C GLN A 25 0.85 18.49 -15.25
N GLY A 26 1.75 18.40 -16.23
CA GLY A 26 2.60 19.50 -16.62
C GLY A 26 3.54 19.92 -15.51
N GLN A 27 4.09 18.94 -14.80
CA GLN A 27 5.01 19.20 -13.70
C GLN A 27 6.45 19.05 -14.13
N SER A 28 7.31 19.74 -13.41
CA SER A 28 8.72 19.73 -13.68
C SER A 28 9.40 18.89 -12.63
N TRP A 29 10.38 18.10 -13.03
CA TRP A 29 11.11 17.32 -12.04
C TRP A 29 12.50 17.00 -12.53
N LYS A 30 13.36 16.66 -11.58
CA LYS A 30 14.70 16.22 -11.89
C LYS A 30 14.80 14.70 -11.71
N GLU A 31 15.50 14.06 -12.65
CA GLU A 31 15.82 12.64 -12.56
C GLU A 31 17.27 12.49 -12.08
N GLU A 32 17.46 11.65 -11.06
CA GLU A 32 18.78 11.20 -10.66
C GLU A 32 18.81 9.69 -10.81
N VAL A 33 19.86 9.19 -11.48
CA VAL A 33 20.01 7.76 -11.74
C VAL A 33 20.89 7.09 -10.67
N VAL A 34 20.42 5.94 -10.20
CA VAL A 34 21.17 5.05 -9.35
C VAL A 34 21.51 3.78 -10.13
N THR A 35 22.73 3.30 -9.99
CA THR A 35 23.18 2.11 -10.70
C THR A 35 22.88 0.83 -9.90
N GLN A 52 13.05 -0.30 -1.38
CA GLN A 52 12.72 1.08 -1.04
C GLN A 52 12.49 1.99 -2.28
N LEU A 53 13.36 1.92 -3.31
CA LEU A 53 13.26 2.83 -4.46
C LEU A 53 11.98 2.62 -5.28
N PRO A 54 11.50 3.67 -5.95
CA PRO A 54 12.10 5.01 -6.05
C PRO A 54 12.08 5.81 -4.78
N LYS A 55 13.04 6.74 -4.70
CA LYS A 55 13.06 7.82 -3.74
C LYS A 55 12.57 9.07 -4.46
N PHE A 56 11.75 9.84 -3.76
CA PHE A 56 11.13 11.04 -4.29
C PHE A 56 11.33 12.17 -3.30
N GLN A 57 11.85 13.31 -3.77
CA GLN A 57 11.96 14.53 -2.95
C GLN A 57 10.96 15.55 -3.44
N ASP A 58 10.30 16.19 -2.48
CA ASP A 58 9.35 17.25 -2.78
C ASP A 58 9.71 18.27 -1.73
N GLY A 59 10.48 19.28 -2.13
CA GLY A 59 11.07 20.22 -1.18
C GLY A 59 11.96 19.48 -0.20
N ASP A 60 11.75 19.72 1.09
CA ASP A 60 12.50 19.01 2.11
C ASP A 60 11.80 17.71 2.57
N LEU A 61 10.71 17.33 1.90
CA LEU A 61 10.08 16.05 2.22
C LEU A 61 10.70 14.95 1.36
N THR A 62 11.12 13.86 2.01
CA THR A 62 11.68 12.68 1.33
C THR A 62 10.77 11.44 1.47
N LEU A 63 10.30 10.92 0.34
CA LEU A 63 9.45 9.73 0.34
C LEU A 63 10.13 8.56 -0.34
N TYR A 64 9.71 7.36 0.06
CA TYR A 64 10.07 6.11 -0.59
C TYR A 64 8.83 5.28 -0.88
N GLN A 65 8.95 4.45 -1.91
CA GLN A 65 7.96 3.42 -2.26
C GLN A 65 6.88 4.05 -3.16
N SER A 66 6.76 3.47 -4.36
CA SER A 66 6.02 4.05 -5.47
C SER A 66 4.58 4.42 -5.13
N ASN A 67 3.91 3.57 -4.36
CA ASN A 67 2.53 3.83 -4.02
C ASN A 67 2.36 4.93 -3.01
N THR A 68 3.29 5.03 -2.06
CA THR A 68 3.25 6.10 -1.10
C THR A 68 3.47 7.43 -1.85
N ILE A 69 4.38 7.41 -2.83
CA ILE A 69 4.61 8.59 -3.68
C ILE A 69 3.37 8.97 -4.48
N LEU A 70 2.75 7.96 -5.10
CA LEU A 70 1.59 8.20 -5.95
C LEU A 70 0.50 8.83 -5.10
N ARG A 71 0.35 8.35 -3.86
CA ARG A 71 -0.71 8.87 -2.97
C ARG A 71 -0.37 10.30 -2.59
N HIS A 72 0.92 10.57 -2.37
CA HIS A 72 1.32 11.93 -2.02
C HIS A 72 0.98 12.89 -3.14
N LEU A 73 1.31 12.51 -4.37
CA LEU A 73 0.98 13.36 -5.51
C LEU A 73 -0.55 13.42 -5.72
N GLY A 74 -1.23 12.32 -5.45
CA GLY A 74 -2.69 12.35 -5.54
C GLY A 74 -3.28 13.39 -4.61
N ARG A 75 -2.76 13.48 -3.39
CA ARG A 75 -3.23 14.45 -2.42
C ARG A 75 -2.89 15.87 -2.86
N THR A 76 -1.65 16.10 -3.28
CA THR A 76 -1.24 17.47 -3.54
C THR A 76 -1.76 18.02 -4.86
N LEU A 77 -1.90 17.15 -5.87
CA LEU A 77 -2.32 17.63 -7.18
C LEU A 77 -3.81 17.38 -7.40
N GLY A 78 -4.54 16.97 -6.36
CA GLY A 78 -5.96 16.73 -6.51
C GLY A 78 -6.29 15.63 -7.52
N LEU A 79 -5.64 14.49 -7.34
CA LEU A 79 -5.85 13.30 -8.15
C LEU A 79 -6.22 12.10 -7.27
N TYR A 80 -7.05 12.34 -6.27
CA TYR A 80 -7.35 11.30 -5.27
C TYR A 80 -8.84 11.19 -5.02
N GLY A 81 -9.63 11.44 -6.06
CA GLY A 81 -11.08 11.44 -5.97
C GLY A 81 -11.62 12.81 -5.57
N LYS A 82 -12.92 12.98 -5.75
CA LYS A 82 -13.64 14.19 -5.35
C LYS A 82 -14.09 14.19 -3.85
N ASP A 83 -14.03 13.04 -3.19
CA ASP A 83 -14.49 12.93 -1.80
C ASP A 83 -13.86 11.70 -1.13
N GLN A 84 -14.19 11.47 0.15
CA GLN A 84 -13.55 10.41 0.92
C GLN A 84 -13.91 9.05 0.38
N GLN A 85 -15.17 8.90 -0.03
CA GLN A 85 -15.60 7.66 -0.65
C GLN A 85 -14.79 7.36 -1.92
N GLU A 86 -14.65 8.33 -2.83
CA GLU A 86 -13.87 8.05 -4.04
C GLU A 86 -12.42 7.76 -3.69
N ALA A 87 -11.89 8.38 -2.63
CA ALA A 87 -10.48 8.20 -2.32
C ALA A 87 -10.25 6.74 -2.00
N ALA A 88 -11.21 6.15 -1.32
CA ALA A 88 -11.09 4.76 -0.92
C ALA A 88 -11.22 3.82 -2.13
N LEU A 89 -12.09 4.21 -3.06
CA LEU A 89 -12.22 3.46 -4.30
C LEU A 89 -10.94 3.57 -5.15
N VAL A 90 -10.29 4.73 -5.12
CA VAL A 90 -9.02 4.89 -5.84
C VAL A 90 -8.04 3.91 -5.25
N ASP A 91 -7.99 3.83 -3.91
CA ASP A 91 -7.06 2.95 -3.21
C ASP A 91 -7.29 1.51 -3.57
N MET A 92 -8.55 1.11 -3.64
CA MET A 92 -8.85 -0.27 -4.01
C MET A 92 -8.44 -0.57 -5.43
N VAL A 93 -8.75 0.31 -6.36
CA VAL A 93 -8.27 0.10 -7.72
C VAL A 93 -6.76 -0.06 -7.72
N ASN A 94 -6.10 0.83 -6.97
CA ASN A 94 -4.65 0.79 -6.92
C ASN A 94 -4.12 -0.50 -6.35
N ASP A 95 -4.80 -1.03 -5.31
CA ASP A 95 -4.46 -2.35 -4.77
C ASP A 95 -4.47 -3.41 -5.85
N GLY A 96 -5.53 -3.41 -6.67
CA GLY A 96 -5.67 -4.33 -7.79
C GLY A 96 -4.51 -4.19 -8.78
N VAL A 97 -4.20 -2.96 -9.14
CA VAL A 97 -3.08 -2.74 -10.06
C VAL A 97 -1.81 -3.35 -9.45
N GLU A 98 -1.57 -3.12 -8.15
CA GLU A 98 -0.32 -3.57 -7.51
C GLU A 98 -0.23 -5.07 -7.33
N ASP A 99 -1.37 -5.74 -7.10
CA ASP A 99 -1.41 -7.19 -7.05
C ASP A 99 -1.00 -7.81 -8.38
N LEU A 100 -1.53 -7.31 -9.47
CA LEU A 100 -1.12 -7.86 -10.76
C LEU A 100 0.31 -7.45 -11.08
N ARG A 101 0.71 -6.23 -10.69
CA ARG A 101 2.09 -5.80 -10.91
C ARG A 101 3.03 -6.76 -10.16
N CYS A 102 2.58 -7.22 -8.99
CA CYS A 102 3.46 -8.08 -8.20
C CYS A 102 3.63 -9.45 -8.91
N LYS A 103 2.57 -9.95 -9.52
CA LYS A 103 2.65 -11.19 -10.30
C LYS A 103 3.51 -10.99 -11.54
N TYR A 104 3.32 -9.89 -12.23
CA TYR A 104 4.14 -9.57 -13.39
C TYR A 104 5.62 -9.59 -13.00
N ILE A 105 5.97 -8.92 -11.90
CA ILE A 105 7.37 -8.83 -11.48
C ILE A 105 7.93 -10.19 -11.16
N SER A 106 7.11 -11.02 -10.53
CA SER A 106 7.48 -12.38 -10.25
C SER A 106 7.84 -13.10 -11.54
N LEU A 107 6.93 -13.09 -12.50
CA LEU A 107 7.21 -13.69 -13.82
C LEU A 107 8.54 -13.19 -14.44
N ILE A 108 8.66 -11.88 -14.59
CA ILE A 108 9.79 -11.26 -15.26
C ILE A 108 11.15 -11.70 -14.69
N TYR A 109 11.30 -11.61 -13.37
CA TYR A 109 12.58 -11.85 -12.72
C TYR A 109 12.79 -13.30 -12.29
N THR A 110 11.71 -14.05 -12.13
CA THR A 110 11.82 -15.37 -11.50
C THR A 110 11.50 -16.60 -12.36
N ASN A 111 10.72 -16.45 -13.41
CA ASN A 111 10.24 -17.62 -14.13
C ASN A 111 9.80 -17.27 -15.53
N TYR A 112 10.58 -16.40 -16.18
CA TYR A 112 10.10 -15.82 -17.41
C TYR A 112 9.86 -16.89 -18.48
N GLU A 113 10.83 -17.78 -18.68
CA GLU A 113 10.78 -18.74 -19.79
C GLU A 113 9.72 -19.86 -19.57
N ALA A 114 9.78 -20.53 -18.44
CA ALA A 114 8.81 -21.60 -18.13
C ALA A 114 7.42 -21.08 -17.73
N GLY A 115 7.33 -19.81 -17.35
CA GLY A 115 6.11 -19.28 -16.77
C GLY A 115 5.25 -18.47 -17.72
N LYS A 116 5.85 -17.97 -18.79
CA LYS A 116 5.18 -16.98 -19.61
C LYS A 116 3.88 -17.48 -20.22
N ASP A 117 3.91 -18.70 -20.78
CA ASP A 117 2.69 -19.32 -21.35
C ASP A 117 1.55 -19.38 -20.35
N ASP A 118 1.84 -19.82 -19.14
CA ASP A 118 0.83 -19.87 -18.07
C ASP A 118 0.32 -18.49 -17.68
N TYR A 119 1.22 -17.53 -17.54
CA TYR A 119 0.84 -16.22 -17.07
C TYR A 119 -0.08 -15.59 -18.10
N VAL A 120 0.22 -15.77 -19.37
CA VAL A 120 -0.56 -15.17 -20.44
C VAL A 120 -1.95 -15.78 -20.58
N LYS A 121 -2.07 -17.09 -20.36
CA LYS A 121 -3.38 -17.74 -20.37
C LYS A 121 -4.21 -17.23 -19.19
N ALA A 122 -3.56 -16.94 -18.05
CA ALA A 122 -4.28 -16.43 -16.88
C ALA A 122 -4.62 -14.95 -17.00
N LEU A 123 -3.94 -14.25 -17.90
CA LEU A 123 -4.05 -12.79 -17.95
C LEU A 123 -5.48 -12.27 -18.09
N PRO A 124 -6.32 -12.91 -18.96
CA PRO A 124 -7.71 -12.46 -19.10
C PRO A 124 -8.44 -12.35 -17.79
N GLY A 125 -8.32 -13.37 -16.94
CA GLY A 125 -8.99 -13.36 -15.66
C GLY A 125 -8.44 -12.30 -14.73
N GLN A 126 -7.16 -11.92 -14.91
CA GLN A 126 -6.58 -10.88 -14.06
C GLN A 126 -7.04 -9.52 -14.55
N LEU A 127 -7.29 -9.37 -15.86
CA LEU A 127 -7.64 -8.07 -16.41
C LEU A 127 -9.12 -7.72 -16.28
N LYS A 128 -9.93 -8.77 -16.19
CA LYS A 128 -11.36 -8.60 -16.27
C LYS A 128 -11.95 -7.67 -15.20
N PRO A 129 -11.46 -7.77 -13.94
CA PRO A 129 -12.04 -6.87 -12.93
C PRO A 129 -11.92 -5.38 -13.31
N PHE A 130 -10.86 -4.99 -14.01
CA PHE A 130 -10.71 -3.58 -14.38
C PHE A 130 -11.71 -3.20 -15.46
N GLU A 131 -11.97 -4.13 -16.38
CA GLU A 131 -12.94 -3.88 -17.47
C GLU A 131 -14.33 -3.68 -16.83
N THR A 132 -14.64 -4.56 -15.88
CA THR A 132 -15.89 -4.46 -15.15
C THR A 132 -16.00 -3.12 -14.42
N LEU A 133 -14.93 -2.71 -13.76
CA LEU A 133 -14.94 -1.38 -13.13
C LEU A 133 -15.34 -0.31 -14.12
N LEU A 134 -14.67 -0.27 -15.28
CA LEU A 134 -14.97 0.72 -16.31
C LEU A 134 -16.42 0.67 -16.77
N SER A 135 -16.92 -0.54 -16.98
CA SER A 135 -18.29 -0.67 -17.47
C SER A 135 -19.29 -0.11 -16.45
N GLN A 136 -18.94 -0.13 -15.17
CA GLN A 136 -19.82 0.41 -14.12
C GLN A 136 -19.66 1.92 -13.92
N ASN A 137 -18.68 2.52 -14.59
CA ASN A 137 -18.44 3.96 -14.45
C ASN A 137 -18.60 4.71 -15.78
N GLN A 138 -19.79 5.27 -15.98
CA GLN A 138 -20.16 5.98 -17.20
C GLN A 138 -19.81 5.25 -18.48
N GLY A 139 -20.04 3.95 -18.47
CA GLY A 139 -19.83 3.14 -19.65
C GLY A 139 -18.40 3.15 -20.14
N GLY A 140 -17.45 3.29 -19.21
CA GLY A 140 -16.06 3.18 -19.57
C GLY A 140 -15.49 4.36 -20.31
N LYS A 141 -16.20 5.48 -20.29
CA LYS A 141 -15.85 6.64 -21.11
C LYS A 141 -15.03 7.74 -20.44
N THR A 142 -14.85 7.65 -19.12
CA THR A 142 -14.08 8.65 -18.40
C THR A 142 -12.81 8.04 -17.80
N PHE A 143 -12.82 7.81 -16.48
CA PHE A 143 -11.65 7.29 -15.83
C PHE A 143 -12.02 6.05 -15.05
N ILE A 144 -11.05 5.42 -14.39
CA ILE A 144 -11.30 4.18 -13.70
C ILE A 144 -12.19 4.40 -12.44
N VAL A 145 -12.09 5.57 -11.83
CA VAL A 145 -12.95 5.96 -10.72
C VAL A 145 -13.42 7.40 -10.90
N GLY A 146 -14.73 7.62 -10.84
CA GLY A 146 -15.25 8.98 -10.95
C GLY A 146 -15.07 9.60 -12.30
N ASP A 147 -15.22 10.91 -12.35
CA ASP A 147 -15.16 11.62 -13.62
C ASP A 147 -13.89 12.44 -13.76
N GLN A 148 -12.98 12.33 -12.80
CA GLN A 148 -11.70 13.02 -12.99
C GLN A 148 -10.53 12.02 -12.89
N ILE A 149 -9.42 12.32 -13.56
CA ILE A 149 -8.27 11.43 -13.52
C ILE A 149 -7.75 11.31 -12.09
N SER A 150 -7.24 10.14 -11.73
CA SER A 150 -6.62 9.90 -10.43
C SER A 150 -5.30 9.15 -10.62
N PHE A 151 -4.56 8.99 -9.52
CA PHE A 151 -3.26 8.35 -9.60
C PHE A 151 -3.39 6.86 -9.92
N ALA A 152 -4.53 6.27 -9.62
CA ALA A 152 -4.80 4.89 -10.03
C ALA A 152 -4.88 4.76 -11.56
N ASP A 153 -5.34 5.80 -12.24
CA ASP A 153 -5.41 5.76 -13.70
C ASP A 153 -4.00 5.64 -14.26
N TYR A 154 -3.06 6.44 -13.75
CA TYR A 154 -1.70 6.42 -14.28
C TYR A 154 -1.07 5.08 -13.98
N ASN A 155 -1.36 4.53 -12.81
CA ASN A 155 -0.73 3.29 -12.42
C ASN A 155 -1.33 2.12 -13.25
N LEU A 156 -2.63 2.17 -13.51
CA LEU A 156 -3.30 1.13 -14.31
C LEU A 156 -2.87 1.23 -15.79
N LEU A 157 -2.79 2.44 -16.30
CA LEU A 157 -2.31 2.66 -17.68
C LEU A 157 -0.95 2.02 -17.89
N ASP A 158 -0.02 2.26 -16.97
CA ASP A 158 1.29 1.66 -17.09
C ASP A 158 1.24 0.14 -17.06
N LEU A 159 0.45 -0.42 -16.17
CA LEU A 159 0.34 -1.86 -16.10
C LEU A 159 -0.21 -2.38 -17.42
N LEU A 160 -1.16 -1.67 -18.02
CA LEU A 160 -1.73 -2.16 -19.27
C LEU A 160 -0.70 -2.02 -20.38
N LEU A 161 -0.03 -0.88 -20.49
CA LEU A 161 0.99 -0.71 -21.52
C LEU A 161 2.05 -1.81 -21.46
N ILE A 162 2.47 -2.21 -20.28
CA ILE A 162 3.53 -3.22 -20.24
C ILE A 162 3.03 -4.62 -20.50
N HIS A 163 1.75 -4.87 -20.22
CA HIS A 163 1.18 -6.15 -20.60
C HIS A 163 0.94 -6.26 -22.11
N GLU A 164 0.75 -5.14 -22.79
CA GLU A 164 0.61 -5.16 -24.24
C GLU A 164 1.93 -5.54 -24.88
N VAL A 165 3.04 -5.22 -24.20
CA VAL A 165 4.36 -5.60 -24.66
C VAL A 165 4.63 -7.08 -24.39
N LEU A 166 4.28 -7.53 -23.20
CA LEU A 166 4.42 -8.93 -22.85
C LEU A 166 3.58 -9.84 -23.74
N ALA A 167 2.36 -9.40 -24.03
CA ALA A 167 1.35 -10.25 -24.65
C ALA A 167 0.56 -9.45 -25.65
N PRO A 168 1.17 -9.16 -26.81
CA PRO A 168 0.55 -8.23 -27.77
C PRO A 168 -0.86 -8.65 -28.12
N GLY A 169 -1.79 -7.69 -28.17
CA GLY A 169 -3.19 -8.00 -28.39
C GLY A 169 -3.93 -8.52 -27.16
N CYS A 170 -3.33 -8.47 -25.97
CA CYS A 170 -4.05 -8.97 -24.78
C CYS A 170 -5.29 -8.13 -24.49
N LEU A 171 -5.31 -6.88 -24.94
CA LEU A 171 -6.48 -6.04 -24.73
C LEU A 171 -7.56 -6.16 -25.81
N ASP A 172 -7.35 -7.04 -26.79
CA ASP A 172 -8.39 -7.28 -27.80
C ASP A 172 -9.60 -7.96 -27.14
N ALA A 173 -9.38 -8.62 -26.01
CA ALA A 173 -10.48 -9.24 -25.30
C ALA A 173 -11.20 -8.22 -24.43
N PHE A 174 -10.74 -6.97 -24.43
CA PHE A 174 -11.28 -5.97 -23.50
C PHE A 174 -11.53 -4.61 -24.15
N PRO A 175 -12.70 -4.46 -24.79
CA PRO A 175 -12.98 -3.25 -25.57
C PRO A 175 -12.89 -1.96 -24.77
N LEU A 176 -13.45 -1.95 -23.57
CA LEU A 176 -13.43 -0.75 -22.74
C LEU A 176 -11.99 -0.41 -22.29
N LEU A 177 -11.24 -1.41 -21.83
CA LEU A 177 -9.83 -1.21 -21.46
C LEU A 177 -9.03 -0.73 -22.66
N SER A 178 -9.34 -1.25 -23.85
CA SER A 178 -8.61 -0.85 -25.06
C SER A 178 -8.84 0.61 -25.37
N ALA A 179 -10.10 1.01 -25.39
CA ALA A 179 -10.44 2.39 -25.69
C ALA A 179 -9.85 3.32 -24.62
N TYR A 180 -9.82 2.84 -23.39
CA TYR A 180 -9.36 3.61 -22.25
C TYR A 180 -7.88 3.88 -22.40
N VAL A 181 -7.13 2.85 -22.80
CA VAL A 181 -5.69 3.01 -23.07
C VAL A 181 -5.49 3.97 -24.22
N GLY A 182 -6.32 3.86 -25.27
CA GLY A 182 -6.18 4.73 -26.42
C GLY A 182 -6.45 6.17 -26.03
N ARG A 183 -7.46 6.36 -25.18
CA ARG A 183 -7.90 7.70 -24.76
C ARG A 183 -6.90 8.37 -23.82
N LEU A 184 -6.40 7.61 -22.85
CA LEU A 184 -5.45 8.18 -21.89
C LEU A 184 -4.11 8.45 -22.61
N SER A 185 -3.70 7.56 -23.49
CA SER A 185 -2.43 7.71 -24.22
C SER A 185 -2.40 8.89 -25.16
N ALA A 186 -3.58 9.45 -25.44
CA ALA A 186 -3.72 10.57 -26.38
C ALA A 186 -3.81 11.93 -25.70
N ARG A 187 -3.90 11.94 -24.37
CA ARG A 187 -3.84 13.19 -23.63
C ARG A 187 -2.51 13.86 -24.03
N PRO A 188 -2.56 15.11 -24.52
CA PRO A 188 -1.40 15.74 -25.18
C PRO A 188 -0.04 15.61 -24.47
N LYS A 189 0.02 16.02 -23.21
CA LYS A 189 1.30 16.04 -22.52
C LYS A 189 1.77 14.62 -22.29
N LEU A 190 0.85 13.73 -21.98
CA LEU A 190 1.20 12.33 -21.72
C LEU A 190 1.64 11.67 -23.02
N LYS A 191 0.90 11.93 -24.10
CA LYS A 191 1.25 11.43 -25.43
C LYS A 191 2.70 11.77 -25.80
N ALA A 192 3.06 13.04 -25.68
CA ALA A 192 4.43 13.50 -25.97
C ALA A 192 5.42 12.81 -25.05
N PHE A 193 5.09 12.64 -23.77
CA PHE A 193 6.03 11.98 -22.88
C PHE A 193 6.28 10.52 -23.26
N LEU A 194 5.21 9.78 -23.54
CA LEU A 194 5.29 8.37 -23.93
C LEU A 194 6.07 8.14 -25.24
N ALA A 195 6.04 9.12 -26.16
CA ALA A 195 6.84 9.05 -27.38
C ALA A 195 8.29 9.55 -27.19
N SER A 196 8.62 10.10 -26.02
CA SER A 196 9.91 10.76 -25.84
C SER A 196 11.02 9.78 -25.53
N PRO A 197 12.28 10.14 -25.88
CA PRO A 197 13.46 9.31 -25.58
C PRO A 197 13.60 9.02 -24.09
N GLU A 198 13.24 9.98 -23.27
CA GLU A 198 13.22 9.83 -21.82
C GLU A 198 12.47 8.57 -21.37
N TYR A 199 11.38 8.26 -22.07
CA TYR A 199 10.60 7.07 -21.73
C TYR A 199 11.01 5.87 -22.61
N VAL A 200 11.06 6.10 -23.92
CA VAL A 200 11.32 5.04 -24.88
C VAL A 200 12.69 4.39 -24.72
N ASN A 201 13.70 5.17 -24.33
CA ASN A 201 15.04 4.59 -24.26
C ASN A 201 15.43 3.91 -22.95
N LEU A 202 14.52 3.88 -21.98
CA LEU A 202 14.71 3.03 -20.80
C LEU A 202 14.03 1.69 -21.05
N PRO A 203 14.63 0.58 -20.60
CA PRO A 203 13.92 -0.70 -20.72
C PRO A 203 12.83 -0.79 -19.64
N ILE A 204 11.82 -1.62 -19.86
CA ILE A 204 10.71 -1.75 -18.91
C ILE A 204 11.19 -2.30 -17.60
N ASN A 205 12.05 -3.31 -17.68
CA ASN A 205 12.59 -3.94 -16.48
C ASN A 205 14.12 -3.92 -16.46
N GLY A 206 14.70 -4.41 -15.37
CA GLY A 206 16.13 -4.34 -15.18
C GLY A 206 16.92 -5.54 -15.69
N ASN A 207 16.22 -6.60 -16.13
CA ASN A 207 16.88 -7.85 -16.51
C ASN A 207 16.76 -8.14 -18.01
N GLY A 208 16.43 -7.12 -18.78
CA GLY A 208 16.32 -7.27 -20.22
C GLY A 208 15.05 -7.95 -20.70
N LYS A 209 14.24 -8.47 -19.77
CA LYS A 209 13.05 -9.21 -20.16
C LYS A 209 11.79 -8.34 -20.12
N GLN A 210 10.86 -8.59 -21.05
CA GLN A 210 9.63 -7.81 -21.18
C GLN A 210 8.59 -8.61 -21.98
N PRO B 2 -20.44 5.63 10.47
CA PRO B 2 -21.58 4.85 9.97
C PRO B 2 -21.60 3.41 10.53
N PRO B 3 -22.40 2.48 9.94
CA PRO B 3 -22.49 1.12 10.51
C PRO B 3 -21.36 0.20 10.01
N TYR B 4 -20.52 -0.33 10.91
CA TYR B 4 -19.35 -1.10 10.44
C TYR B 4 -19.48 -2.60 10.61
N THR B 5 -18.99 -3.30 9.59
CA THR B 5 -18.90 -4.75 9.63
C THR B 5 -17.52 -5.19 9.17
N VAL B 6 -16.94 -6.11 9.93
CA VAL B 6 -15.63 -6.67 9.65
C VAL B 6 -15.79 -8.14 9.33
N VAL B 7 -15.30 -8.55 8.16
CA VAL B 7 -15.32 -9.97 7.79
C VAL B 7 -13.91 -10.53 7.70
N TYR B 8 -13.65 -11.57 8.50
CA TYR B 8 -12.32 -12.13 8.55
C TYR B 8 -12.28 -13.58 9.00
N PHE B 9 -11.11 -14.19 8.84
CA PHE B 9 -10.84 -15.49 9.42
C PHE B 9 -10.89 -15.34 10.94
N PRO B 10 -11.08 -16.44 11.67
CA PRO B 10 -11.19 -16.29 13.12
C PRO B 10 -9.82 -16.24 13.79
N VAL B 11 -9.01 -15.27 13.38
CA VAL B 11 -7.68 -15.04 13.97
C VAL B 11 -7.49 -13.53 14.13
N ARG B 12 -6.45 -13.13 14.86
CA ARG B 12 -6.10 -11.70 14.96
C ARG B 12 -5.60 -11.23 13.61
N GLY B 13 -4.43 -11.72 13.21
CA GLY B 13 -3.90 -11.51 11.87
C GLY B 13 -3.92 -10.06 11.46
N ARG B 14 -4.30 -9.82 10.20
CA ARG B 14 -4.24 -8.48 9.60
C ARG B 14 -5.44 -7.67 10.01
N ALA B 16 -6.25 -7.37 13.50
CA ALA B 16 -6.08 -6.88 14.86
C ALA B 16 -5.91 -5.36 14.96
N ALA B 17 -5.11 -4.75 14.09
CA ALA B 17 -4.88 -3.30 14.20
C ALA B 17 -6.14 -2.49 13.95
N LEU B 18 -6.90 -2.94 12.97
CA LEU B 18 -8.17 -2.32 12.61
C LEU B 18 -9.16 -2.34 13.80
N ARG B 19 -9.24 -3.48 14.45
CA ARG B 19 -10.14 -3.68 15.60
C ARG B 19 -9.70 -2.81 16.77
N MET B 20 -8.40 -2.78 17.00
CA MET B 20 -7.82 -1.93 18.04
C MET B 20 -8.15 -0.48 17.82
N LEU B 21 -8.06 -0.05 16.58
CA LEU B 21 -8.37 1.33 16.20
C LEU B 21 -9.86 1.64 16.45
N LEU B 22 -10.74 0.78 15.96
CA LEU B 22 -12.18 0.95 16.19
C LEU B 22 -12.53 0.97 17.69
N ALA B 23 -11.97 0.05 18.46
CA ALA B 23 -12.25 -0.02 19.90
C ALA B 23 -11.80 1.26 20.57
N ASP B 24 -10.54 1.64 20.36
CA ASP B 24 -9.95 2.82 20.97
C ASP B 24 -10.67 4.09 20.59
N GLN B 25 -11.18 4.13 19.37
CA GLN B 25 -11.91 5.28 18.87
C GLN B 25 -13.40 5.20 19.24
N GLY B 26 -13.76 4.21 20.04
CA GLY B 26 -15.10 4.14 20.55
C GLY B 26 -16.11 3.91 19.45
N GLN B 27 -15.73 3.17 18.42
CA GLN B 27 -16.66 2.82 17.34
C GLN B 27 -17.26 1.47 17.60
N SER B 28 -18.47 1.25 17.08
CA SER B 28 -19.11 -0.02 17.14
C SER B 28 -19.00 -0.73 15.80
N TRP B 29 -18.83 -2.05 15.89
CA TRP B 29 -18.84 -2.87 14.69
C TRP B 29 -19.35 -4.27 14.96
N LYS B 30 -19.74 -4.94 13.88
CA LYS B 30 -20.17 -6.34 13.91
C LYS B 30 -19.06 -7.15 13.26
N GLU B 31 -18.79 -8.33 13.82
CA GLU B 31 -17.86 -9.30 13.24
C GLU B 31 -18.64 -10.39 12.51
N GLU B 32 -18.19 -10.73 11.30
CA GLU B 32 -18.71 -11.87 10.54
C GLU B 32 -17.53 -12.77 10.19
N VAL B 33 -17.71 -14.07 10.40
CA VAL B 33 -16.58 -14.98 10.30
C VAL B 33 -16.60 -15.76 9.00
N VAL B 34 -15.39 -16.06 8.55
CA VAL B 34 -15.14 -16.77 7.30
C VAL B 34 -14.26 -17.99 7.65
N THR B 35 -14.73 -19.18 7.31
CA THR B 35 -13.99 -20.43 7.56
C THR B 35 -13.48 -21.05 6.25
N GLN B 52 -8.98 -9.49 -1.15
CA GLN B 52 -8.21 -10.08 -0.04
C GLN B 52 -8.76 -9.61 1.31
N LEU B 53 -8.85 -10.54 2.27
CA LEU B 53 -9.45 -10.23 3.56
C LEU B 53 -8.50 -9.42 4.48
N PRO B 54 -9.06 -8.58 5.36
CA PRO B 54 -10.50 -8.44 5.61
C PRO B 54 -11.36 -7.71 4.60
N LYS B 55 -12.66 -7.99 4.69
CA LYS B 55 -13.67 -7.28 3.95
C LYS B 55 -14.21 -6.35 4.99
N PHE B 56 -14.57 -5.14 4.60
CA PHE B 56 -15.00 -4.15 5.57
C PHE B 56 -16.15 -3.39 4.96
N GLN B 57 -17.19 -3.19 5.75
CA GLN B 57 -18.38 -2.50 5.28
C GLN B 57 -18.66 -1.26 6.12
N ASP B 58 -18.82 -0.12 5.45
CA ASP B 58 -19.10 1.15 6.11
C ASP B 58 -20.24 1.76 5.33
N GLY B 59 -21.44 1.62 5.85
CA GLY B 59 -22.66 1.94 5.11
C GLY B 59 -22.73 1.12 3.84
N ASP B 60 -22.95 1.78 2.71
CA ASP B 60 -23.00 1.09 1.43
C ASP B 60 -21.63 0.86 0.79
N LEU B 61 -20.57 1.34 1.45
CA LEU B 61 -19.20 1.16 0.94
C LEU B 61 -18.61 -0.16 1.42
N THR B 62 -18.05 -0.89 0.47
CA THR B 62 -17.39 -2.15 0.75
C THR B 62 -15.90 -2.04 0.43
N LEU B 63 -15.06 -2.32 1.42
CA LEU B 63 -13.63 -2.25 1.22
C LEU B 63 -13.02 -3.60 1.49
N TYR B 64 -11.93 -3.86 0.78
CA TYR B 64 -11.03 -4.98 1.05
C TYR B 64 -9.60 -4.48 1.31
N GLN B 65 -8.83 -5.33 2.00
CA GLN B 65 -7.39 -5.15 2.24
C GLN B 65 -7.16 -4.22 3.45
N SER B 66 -6.48 -4.76 4.45
CA SER B 66 -6.30 -4.09 5.72
C SER B 66 -5.76 -2.65 5.56
N ASN B 67 -4.70 -2.46 4.78
CA ASN B 67 -4.16 -1.10 4.66
C ASN B 67 -5.10 -0.09 4.00
N THR B 68 -5.87 -0.55 3.01
CA THR B 68 -6.88 0.32 2.41
C THR B 68 -7.99 0.68 3.43
N ILE B 69 -8.36 -0.28 4.27
CA ILE B 69 -9.34 -0.04 5.35
C ILE B 69 -8.77 0.92 6.42
N LEU B 70 -7.54 0.71 6.85
CA LEU B 70 -6.89 1.61 7.80
C LEU B 70 -6.87 3.05 7.28
N ARG B 71 -6.54 3.23 5.99
CA ARG B 71 -6.44 4.57 5.41
C ARG B 71 -7.81 5.21 5.39
N HIS B 72 -8.81 4.44 4.99
CA HIS B 72 -10.18 4.94 4.98
C HIS B 72 -10.65 5.45 6.34
N LEU B 73 -10.43 4.62 7.37
CA LEU B 73 -10.71 5.03 8.75
C LEU B 73 -9.85 6.23 9.14
N GLY B 74 -8.65 6.31 8.59
CA GLY B 74 -7.77 7.45 8.88
C GLY B 74 -8.38 8.74 8.40
N ARG B 75 -8.87 8.75 7.16
CA ARG B 75 -9.53 9.91 6.58
C ARG B 75 -10.80 10.24 7.30
N THR B 76 -11.61 9.24 7.57
CA THR B 76 -12.93 9.52 8.10
C THR B 76 -12.89 9.90 9.59
N LEU B 77 -11.99 9.30 10.34
CA LEU B 77 -11.95 9.56 11.78
C LEU B 77 -10.82 10.53 12.14
N GLY B 78 -10.15 11.09 11.14
CA GLY B 78 -9.09 12.04 11.37
C GLY B 78 -7.90 11.42 12.07
N LEU B 79 -7.43 10.28 11.56
CA LEU B 79 -6.27 9.60 12.13
C LEU B 79 -5.21 9.50 11.06
N TYR B 80 -5.01 10.59 10.33
CA TYR B 80 -4.16 10.58 9.13
C TYR B 80 -3.23 11.81 9.10
N GLY B 81 -2.85 12.28 10.28
CA GLY B 81 -1.96 13.43 10.39
C GLY B 81 -2.75 14.72 10.29
N LYS B 82 -2.10 15.84 10.58
CA LYS B 82 -2.79 17.12 10.59
C LYS B 82 -2.81 17.76 9.22
N ASP B 83 -1.93 17.30 8.31
CA ASP B 83 -1.86 17.91 7.00
C ASP B 83 -1.23 16.98 5.95
N GLN B 84 -1.08 17.46 4.72
CA GLN B 84 -0.57 16.61 3.64
C GLN B 84 0.81 16.05 3.93
N GLN B 85 1.69 16.89 4.44
CA GLN B 85 3.00 16.44 4.78
C GLN B 85 2.95 15.29 5.80
N GLU B 86 2.19 15.45 6.89
CA GLU B 86 2.12 14.39 7.89
C GLU B 86 1.47 13.13 7.32
N ALA B 87 0.49 13.31 6.43
CA ALA B 87 -0.20 12.16 5.80
C ALA B 87 0.81 11.27 5.09
N ALA B 88 1.72 11.91 4.35
CA ALA B 88 2.77 11.17 3.65
C ALA B 88 3.68 10.45 4.66
N LEU B 89 4.03 11.13 5.74
CA LEU B 89 4.83 10.50 6.79
C LEU B 89 4.12 9.31 7.46
N VAL B 90 2.84 9.46 7.74
CA VAL B 90 2.02 8.33 8.20
C VAL B 90 2.09 7.12 7.25
N ASP B 91 1.97 7.38 5.95
CA ASP B 91 2.09 6.34 4.95
C ASP B 91 3.46 5.66 5.04
N MET B 92 4.54 6.42 5.09
CA MET B 92 5.86 5.82 5.12
C MET B 92 6.06 4.95 6.35
N VAL B 93 5.62 5.43 7.50
CA VAL B 93 5.69 4.58 8.70
C VAL B 93 4.86 3.34 8.49
N ASN B 94 3.67 3.50 7.96
CA ASN B 94 2.85 2.32 7.74
C ASN B 94 3.50 1.34 6.76
N ASP B 95 4.19 1.87 5.73
CA ASP B 95 4.92 1.01 4.81
C ASP B 95 5.97 0.19 5.57
N GLY B 96 6.62 0.82 6.53
CA GLY B 96 7.65 0.11 7.28
C GLY B 96 7.03 -0.96 8.19
N VAL B 97 5.89 -0.64 8.82
CA VAL B 97 5.15 -1.65 9.58
C VAL B 97 4.78 -2.85 8.69
N GLU B 98 4.25 -2.56 7.51
CA GLU B 98 3.81 -3.64 6.62
C GLU B 98 4.94 -4.48 6.03
N ASP B 99 6.11 -3.86 5.78
CA ASP B 99 7.27 -4.64 5.36
C ASP B 99 7.68 -5.69 6.39
N LEU B 100 7.79 -5.29 7.66
CA LEU B 100 8.09 -6.27 8.72
C LEU B 100 6.97 -7.30 8.86
N ARG B 101 5.72 -6.84 8.84
CA ARG B 101 4.60 -7.76 8.95
C ARG B 101 4.64 -8.83 7.82
N CYS B 102 5.06 -8.46 6.61
CA CYS B 102 5.10 -9.45 5.54
CA CYS B 102 5.14 -9.40 5.49
C CYS B 102 6.19 -10.49 5.77
N LYS B 103 7.32 -10.07 6.33
CA LYS B 103 8.36 -11.01 6.71
C LYS B 103 7.88 -11.94 7.82
N TYR B 104 7.12 -11.39 8.75
CA TYR B 104 6.49 -12.19 9.80
C TYR B 104 5.54 -13.25 9.22
N ILE B 105 4.68 -12.82 8.31
CA ILE B 105 3.67 -13.71 7.77
C ILE B 105 4.37 -14.82 6.99
N SER B 106 5.42 -14.46 6.28
CA SER B 106 6.15 -15.44 5.50
C SER B 106 6.89 -16.44 6.39
N LEU B 107 7.44 -15.98 7.50
CA LEU B 107 8.01 -16.87 8.48
C LEU B 107 6.93 -17.83 9.01
N ILE B 108 5.82 -17.27 9.47
CA ILE B 108 4.81 -18.05 10.18
C ILE B 108 4.23 -19.18 9.32
N TYR B 109 3.88 -18.85 8.08
CA TYR B 109 3.10 -19.75 7.24
C TYR B 109 3.94 -20.56 6.26
N THR B 110 5.24 -20.32 6.23
CA THR B 110 6.02 -20.76 5.09
C THR B 110 7.41 -21.32 5.46
N ASN B 111 7.88 -21.07 6.67
CA ASN B 111 9.25 -21.45 6.99
C ASN B 111 9.57 -21.30 8.47
N TYR B 112 8.57 -21.54 9.32
CA TYR B 112 8.72 -21.30 10.74
C TYR B 112 9.93 -22.02 11.32
N GLU B 113 10.04 -23.32 11.04
CA GLU B 113 11.03 -24.18 11.70
C GLU B 113 12.44 -23.83 11.28
N ALA B 114 12.71 -23.89 9.98
CA ALA B 114 14.03 -23.59 9.46
C ALA B 114 14.37 -22.10 9.55
N GLY B 115 13.35 -21.25 9.46
CA GLY B 115 13.55 -19.81 9.33
C GLY B 115 13.64 -19.02 10.64
N LYS B 116 13.07 -19.55 11.73
CA LYS B 116 12.83 -18.75 12.92
C LYS B 116 14.11 -18.21 13.55
N ASP B 117 15.11 -19.05 13.63
CA ASP B 117 16.33 -18.67 14.32
C ASP B 117 16.92 -17.41 13.68
N ASP B 118 17.04 -17.43 12.35
CA ASP B 118 17.56 -16.31 11.58
C ASP B 118 16.62 -15.09 11.60
N TYR B 119 15.32 -15.33 11.61
CA TYR B 119 14.36 -14.24 11.75
C TYR B 119 14.59 -13.46 13.06
N VAL B 120 14.77 -14.18 14.15
CA VAL B 120 14.90 -13.53 15.46
C VAL B 120 16.27 -12.88 15.56
N LYS B 121 17.27 -13.50 14.94
CA LYS B 121 18.59 -12.89 14.86
C LYS B 121 18.47 -11.49 14.23
N ALA B 122 17.73 -11.41 13.12
CA ALA B 122 17.56 -10.17 12.34
C ALA B 122 16.69 -9.11 13.04
N LEU B 123 15.95 -9.51 14.07
CA LEU B 123 14.82 -8.72 14.54
C LEU B 123 15.18 -7.38 15.19
N PRO B 124 16.25 -7.33 15.98
CA PRO B 124 16.53 -6.00 16.56
C PRO B 124 16.86 -4.96 15.47
N GLY B 125 17.43 -5.40 14.36
CA GLY B 125 17.76 -4.47 13.26
C GLY B 125 16.48 -3.96 12.61
N GLN B 126 15.44 -4.80 12.64
CA GLN B 126 14.16 -4.43 12.04
C GLN B 126 13.38 -3.46 12.92
N LEU B 127 13.60 -3.50 14.23
CA LEU B 127 12.90 -2.61 15.17
C LEU B 127 13.52 -1.25 15.39
N LYS B 128 14.83 -1.18 15.31
CA LYS B 128 15.56 0.05 15.57
C LYS B 128 15.00 1.29 14.82
N PRO B 129 14.66 1.16 13.51
CA PRO B 129 14.18 2.35 12.78
C PRO B 129 12.94 3.00 13.43
N PHE B 130 12.10 2.19 14.08
CA PHE B 130 10.88 2.72 14.69
C PHE B 130 11.29 3.44 15.97
N GLU B 131 12.23 2.85 16.69
CA GLU B 131 12.78 3.50 17.88
C GLU B 131 13.38 4.85 17.49
N THR B 132 14.12 4.87 16.39
CA THR B 132 14.79 6.12 15.97
C THR B 132 13.72 7.13 15.58
N LEU B 133 12.70 6.67 14.86
CA LEU B 133 11.65 7.56 14.45
C LEU B 133 11.00 8.23 15.67
N LEU B 134 10.72 7.42 16.70
CA LEU B 134 10.17 7.97 17.91
C LEU B 134 11.13 8.99 18.51
N SER B 135 12.41 8.64 18.54
CA SER B 135 13.40 9.52 19.16
C SER B 135 13.39 10.91 18.50
N GLN B 136 12.94 10.99 17.24
CA GLN B 136 12.90 12.27 16.50
C GLN B 136 11.55 12.97 16.58
N ASN B 137 10.60 12.41 17.33
CA ASN B 137 9.31 13.07 17.47
C ASN B 137 8.96 13.30 18.92
N GLN B 138 9.14 14.54 19.34
CA GLN B 138 8.99 15.01 20.72
C GLN B 138 9.49 14.00 21.76
N GLY B 139 10.72 13.55 21.59
CA GLY B 139 11.37 12.67 22.54
C GLY B 139 10.70 11.33 22.69
N GLY B 140 9.83 10.97 21.75
CA GLY B 140 9.17 9.68 21.77
C GLY B 140 7.99 9.69 22.71
N LYS B 141 7.55 10.87 23.07
CA LYS B 141 6.57 11.01 24.14
C LYS B 141 5.12 11.05 23.67
N THR B 142 4.91 11.15 22.36
CA THR B 142 3.55 11.36 21.84
C THR B 142 3.19 10.17 20.97
N PHE B 143 3.27 10.30 19.64
CA PHE B 143 2.93 9.21 18.76
C PHE B 143 3.99 8.98 17.69
N ILE B 144 3.76 8.04 16.79
CA ILE B 144 4.81 7.67 15.85
C ILE B 144 4.96 8.81 14.81
N VAL B 145 3.89 9.54 14.52
CA VAL B 145 3.95 10.72 13.65
C VAL B 145 3.13 11.87 14.27
N GLY B 146 3.76 13.01 14.46
CA GLY B 146 3.08 14.20 14.93
C GLY B 146 2.60 14.10 16.37
N ASP B 147 1.53 14.83 16.66
CA ASP B 147 1.03 15.08 18.00
C ASP B 147 -0.22 14.31 18.30
N GLN B 148 -0.73 13.55 17.33
CA GLN B 148 -1.98 12.87 17.54
C GLN B 148 -1.92 11.49 16.93
N ILE B 149 -2.72 10.59 17.45
CA ILE B 149 -2.64 9.20 17.05
C ILE B 149 -3.07 9.06 15.56
N SER B 150 -2.45 8.13 14.85
CA SER B 150 -2.85 7.84 13.48
C SER B 150 -3.05 6.34 13.31
N PHE B 151 -3.49 5.93 12.13
CA PHE B 151 -3.73 4.51 11.90
C PHE B 151 -2.39 3.77 11.93
N ALA B 152 -1.30 4.46 11.60
CA ALA B 152 0.02 3.84 11.71
C ALA B 152 0.37 3.37 13.13
N ASP B 153 0.00 4.16 14.15
CA ASP B 153 0.19 3.77 15.56
C ASP B 153 -0.46 2.43 15.90
N TYR B 154 -1.71 2.24 15.49
CA TYR B 154 -2.42 1.01 15.83
C TYR B 154 -1.74 -0.15 15.15
N ASN B 155 -1.31 0.06 13.91
CA ASN B 155 -0.69 -1.02 13.15
C ASN B 155 0.67 -1.34 13.76
N LEU B 156 1.40 -0.31 14.16
CA LEU B 156 2.72 -0.52 14.75
C LEU B 156 2.58 -1.21 16.10
N LEU B 157 1.64 -0.75 16.91
CA LEU B 157 1.38 -1.43 18.18
C LEU B 157 1.11 -2.94 18.02
N ASP B 158 0.17 -3.30 17.16
CA ASP B 158 -0.12 -4.71 16.93
C ASP B 158 1.13 -5.45 16.53
N LEU B 159 1.94 -4.86 15.66
CA LEU B 159 3.18 -5.50 15.20
C LEU B 159 4.13 -5.75 16.36
N LEU B 160 4.25 -4.78 17.26
CA LEU B 160 5.16 -4.93 18.39
C LEU B 160 4.63 -6.03 19.35
N LEU B 161 3.34 -5.99 19.63
CA LEU B 161 2.72 -7.01 20.50
C LEU B 161 2.97 -8.44 20.03
N ILE B 162 2.78 -8.74 18.76
CA ILE B 162 2.94 -10.11 18.28
C ILE B 162 4.40 -10.52 18.21
N HIS B 163 5.29 -9.55 17.96
CA HIS B 163 6.71 -9.81 18.10
C HIS B 163 7.16 -10.13 19.52
N GLU B 164 6.53 -9.52 20.50
CA GLU B 164 6.85 -9.88 21.88
C GLU B 164 6.48 -11.36 22.18
N VAL B 165 5.44 -11.87 21.53
CA VAL B 165 5.11 -13.28 21.68
C VAL B 165 6.13 -14.15 20.94
N LEU B 166 6.49 -13.73 19.73
CA LEU B 166 7.43 -14.50 18.92
C LEU B 166 8.77 -14.51 19.57
N ALA B 167 9.11 -13.40 20.22
CA ALA B 167 10.44 -13.22 20.78
C ALA B 167 10.39 -12.41 22.05
N PRO B 168 9.93 -13.04 23.15
CA PRO B 168 9.79 -12.32 24.42
C PRO B 168 11.05 -11.57 24.76
N GLY B 169 10.90 -10.36 25.29
CA GLY B 169 12.03 -9.51 25.60
C GLY B 169 12.54 -8.67 24.42
N CYS B 170 11.98 -8.83 23.21
CA CYS B 170 12.53 -8.16 22.02
C CYS B 170 12.51 -6.62 22.06
N LEU B 171 11.63 -6.04 22.89
CA LEU B 171 11.56 -4.60 23.10
C LEU B 171 12.39 -4.07 24.28
N ASP B 172 13.01 -4.99 25.01
CA ASP B 172 13.79 -4.65 26.20
C ASP B 172 14.92 -3.65 25.89
N ALA B 173 15.63 -3.82 24.78
CA ALA B 173 16.72 -2.91 24.42
C ALA B 173 16.23 -1.53 23.95
N PHE B 174 14.92 -1.32 23.89
CA PHE B 174 14.35 -0.17 23.20
C PHE B 174 13.41 0.63 24.07
N PRO B 175 13.97 1.59 24.79
CA PRO B 175 13.14 2.24 25.80
C PRO B 175 11.99 3.06 25.23
N LEU B 176 12.13 3.65 24.06
CA LEU B 176 11.07 4.52 23.57
C LEU B 176 9.94 3.63 23.10
N LEU B 177 10.31 2.53 22.45
CA LEU B 177 9.33 1.58 21.96
C LEU B 177 8.58 0.87 23.12
N SER B 178 9.30 0.53 24.19
CA SER B 178 8.68 0.00 25.43
C SER B 178 7.70 0.97 26.07
N ALA B 179 8.12 2.20 26.31
CA ALA B 179 7.22 3.17 26.90
C ALA B 179 6.05 3.40 25.96
N TYR B 180 6.31 3.34 24.67
CA TYR B 180 5.29 3.63 23.68
C TYR B 180 4.19 2.58 23.75
N VAL B 181 4.57 1.30 23.76
CA VAL B 181 3.63 0.21 23.90
C VAL B 181 2.88 0.31 25.23
N GLY B 182 3.61 0.57 26.31
CA GLY B 182 2.99 0.71 27.60
C GLY B 182 1.97 1.83 27.60
N ARG B 183 2.34 2.95 26.97
CA ARG B 183 1.48 4.12 26.98
C ARG B 183 0.23 3.91 26.11
N LEU B 184 0.40 3.39 24.91
CA LEU B 184 -0.77 3.22 24.04
C LEU B 184 -1.68 2.11 24.61
N SER B 185 -1.07 1.07 25.17
CA SER B 185 -1.83 -0.05 25.74
C SER B 185 -2.68 0.38 26.93
N ALA B 186 -2.34 1.53 27.52
CA ALA B 186 -2.99 2.02 28.73
C ALA B 186 -4.12 3.01 28.43
N ARG B 187 -4.20 3.51 27.19
CA ARG B 187 -5.39 4.28 26.78
C ARG B 187 -6.66 3.47 27.12
N PRO B 188 -7.60 4.06 27.87
CA PRO B 188 -8.59 3.18 28.55
C PRO B 188 -9.47 2.31 27.64
N LYS B 189 -10.01 2.80 26.53
CA LYS B 189 -10.80 1.90 25.69
C LYS B 189 -9.91 0.81 25.10
N LEU B 190 -8.65 1.14 24.82
CA LEU B 190 -7.81 0.17 24.14
C LEU B 190 -7.42 -0.92 25.09
N LYS B 191 -7.08 -0.51 26.30
CA LYS B 191 -6.73 -1.43 27.38
C LYS B 191 -7.84 -2.46 27.61
N ALA B 192 -9.07 -1.97 27.75
CA ALA B 192 -10.22 -2.86 27.97
C ALA B 192 -10.31 -3.82 26.84
N PHE B 193 -10.17 -3.33 25.60
CA PHE B 193 -10.26 -4.20 24.46
C PHE B 193 -9.18 -5.28 24.51
N LEU B 194 -7.94 -4.88 24.78
CA LEU B 194 -6.80 -5.80 24.78
C LEU B 194 -6.88 -6.82 25.92
N ALA B 195 -7.54 -6.49 27.02
CA ALA B 195 -7.75 -7.44 28.12
C ALA B 195 -8.95 -8.36 27.87
N SER B 196 -9.72 -8.09 26.81
CA SER B 196 -10.99 -8.80 26.63
C SER B 196 -10.83 -10.13 25.88
N PRO B 197 -11.75 -11.07 26.12
CA PRO B 197 -11.64 -12.43 25.56
C PRO B 197 -11.68 -12.42 24.05
N GLU B 198 -12.44 -11.48 23.55
CA GLU B 198 -12.57 -11.25 22.12
C GLU B 198 -11.19 -11.06 21.45
N TYR B 199 -10.25 -10.47 22.21
CA TYR B 199 -8.88 -10.37 21.74
C TYR B 199 -8.05 -11.54 22.27
N VAL B 200 -7.96 -11.64 23.60
CA VAL B 200 -7.13 -12.66 24.25
C VAL B 200 -7.41 -14.10 23.80
N ASN B 201 -8.65 -14.44 23.50
CA ASN B 201 -8.95 -15.84 23.18
C ASN B 201 -8.99 -16.14 21.68
N LEU B 202 -8.54 -15.20 20.86
CA LEU B 202 -8.38 -15.46 19.44
C LEU B 202 -6.92 -15.80 19.16
N PRO B 203 -6.67 -16.81 18.34
CA PRO B 203 -5.26 -17.10 18.03
C PRO B 203 -4.67 -16.02 17.11
N ILE B 204 -3.38 -15.79 17.25
CA ILE B 204 -2.74 -14.71 16.51
C ILE B 204 -2.81 -15.00 15.03
N ASN B 205 -2.36 -16.19 14.65
CA ASN B 205 -2.45 -16.66 13.27
C ASN B 205 -3.27 -17.93 13.24
N GLY B 206 -3.57 -18.40 12.03
CA GLY B 206 -4.48 -19.53 11.84
C GLY B 206 -3.79 -20.83 11.49
N ASN B 207 -2.67 -21.12 12.14
CA ASN B 207 -1.95 -22.36 11.90
C ASN B 207 -1.25 -22.80 13.17
N GLY B 208 -1.64 -22.21 14.30
CA GLY B 208 -1.14 -22.60 15.60
C GLY B 208 0.19 -21.98 15.96
N LYS B 209 0.84 -21.35 14.99
CA LYS B 209 2.19 -20.86 15.18
C LYS B 209 2.20 -19.39 15.58
N GLN B 210 3.15 -19.04 16.47
CA GLN B 210 3.35 -17.67 16.93
C GLN B 210 4.72 -17.53 17.60
#